data_2WUE
#
_entry.id   2WUE
#
_cell.length_a   111.883
_cell.length_b   117.971
_cell.length_c   180.893
_cell.angle_alpha   90.00
_cell.angle_beta   90.00
_cell.angle_gamma   90.00
#
_symmetry.space_group_name_H-M   'F 2 2 2'
#
loop_
_entity.id
_entity.type
_entity.pdbx_description
1 polymer '2-HYDROXY-6-OXO-6-PHENYLHEXA-2,4-DIENOATE HYDROLASE BPHD'
2 non-polymer 'THIOCYANATE ION'
3 non-polymer (3E,5R)-8-(2-CHLOROPHENYL)-5-METHYL-2,6-DIOXOOCT-3-ENOATE
4 water water
#
_entity_poly.entity_id   1
_entity_poly.type   'polypeptide(L)'
_entity_poly.pdbx_seq_one_letter_code
;MTATEELTFESTSRFAEVDVDGPLKLHYHEAGVGNDQTVVLLHGGGPGAASWTNFSRNIAVLARHFHVLAVDQPGYGHSD
KRAEHGQFNRYAAMALKGLFDQLGLGRVPLVGNALGGGTAVRFALDYPARAGRLVLMGPGGLSINLFAPDPTEGVKRLSK
FSVAPTRENLEAFLRVMVYDKNLITPELVDQRFALASTPESLTATRAMGKSFAGADFEAGMMWREVYRLRQPVLLIWGRE
DRVNPLDGALVALKTIPRAQLHVFGQCGHWVQVEKFDEFNKLTIEFLGGGR
;
_entity_poly.pdbx_strand_id   A,B
#
loop_
_chem_comp.id
_chem_comp.type
_chem_comp.name
_chem_comp.formula
KEK non-polymer (3E,5R)-8-(2-CHLOROPHENYL)-5-METHYL-2,6-DIOXOOCT-3-ENOATE 'C15 H14 Cl O4 -1'
SCN non-polymer 'THIOCYANATE ION' 'C N S -1'
#
# COMPACT_ATOMS: atom_id res chain seq x y z
N LEU A 7 15.00 -11.76 4.28
CA LEU A 7 15.11 -10.65 5.23
C LEU A 7 13.74 -10.22 5.71
N THR A 8 13.57 -10.12 7.02
CA THR A 8 12.33 -9.67 7.61
C THR A 8 12.58 -8.62 8.69
N PHE A 9 11.53 -7.90 9.05
CA PHE A 9 11.64 -6.90 10.10
C PHE A 9 12.27 -7.54 11.32
N GLU A 10 11.81 -8.73 11.64
CA GLU A 10 12.25 -9.46 12.82
C GLU A 10 13.65 -10.04 12.71
N SER A 11 13.99 -10.62 11.57
CA SER A 11 15.30 -11.23 11.41
C SER A 11 16.43 -10.20 11.49
N THR A 12 16.13 -8.99 11.03
CA THR A 12 17.13 -7.92 10.97
C THR A 12 17.12 -6.99 12.18
N SER A 13 16.05 -7.04 12.97
CA SER A 13 15.92 -6.19 14.14
C SER A 13 17.08 -6.29 15.12
N ARG A 14 17.55 -5.13 15.56
CA ARG A 14 18.62 -5.02 16.54
C ARG A 14 18.36 -3.82 17.43
N PHE A 15 18.88 -3.87 18.64
CA PHE A 15 18.76 -2.77 19.58
C PHE A 15 20.13 -2.43 20.13
N ALA A 16 20.32 -1.17 20.48
CA ALA A 16 21.56 -0.75 21.11
C ALA A 16 21.30 0.36 22.10
N GLU A 17 22.03 0.36 23.20
CA GLU A 17 21.90 1.47 24.14
C GLU A 17 23.14 2.35 24.06
N VAL A 18 22.92 3.62 23.76
CA VAL A 18 24.01 4.58 23.64
C VAL A 18 23.79 5.71 24.61
N ASP A 19 24.78 6.57 24.75
CA ASP A 19 24.69 7.67 25.68
C ASP A 19 24.57 9.03 25.02
N VAL A 20 23.42 9.65 25.22
CA VAL A 20 23.17 11.00 24.77
C VAL A 20 22.51 11.70 25.94
N ASP A 21 23.32 12.30 26.79
CA ASP A 21 22.83 12.89 28.01
C ASP A 21 22.09 11.79 28.79
N GLY A 22 22.64 10.59 28.76
CA GLY A 22 22.06 9.45 29.43
C GLY A 22 21.64 8.36 28.48
N PRO A 23 21.28 7.21 29.01
CA PRO A 23 20.86 6.08 28.19
C PRO A 23 19.82 6.43 27.12
N LEU A 24 20.08 5.97 25.90
CA LEU A 24 19.19 6.20 24.78
C LEU A 24 19.16 4.93 23.93
N LYS A 25 17.98 4.33 23.81
CA LYS A 25 17.83 3.08 23.09
C LYS A 25 17.66 3.30 21.59
N LEU A 26 18.35 2.52 20.78
CA LEU A 26 18.26 2.67 19.35
C LEU A 26 17.91 1.37 18.77
N HIS A 27 16.91 1.39 17.95
CA HIS A 27 16.51 0.19 17.21
C HIS A 27 17.07 0.29 15.80
N TYR A 28 17.56 -0.80 15.22
CA TYR A 28 18.05 -0.73 13.85
C TYR A 28 17.95 -2.09 13.19
N HIS A 29 18.16 -2.10 11.88
CA HIS A 29 18.10 -3.33 11.13
C HIS A 29 19.47 -3.60 10.53
N GLU A 30 19.94 -4.83 10.66
CA GLU A 30 21.23 -5.20 10.13
C GLU A 30 21.05 -6.27 9.07
N ALA A 31 21.68 -6.06 7.93
CA ALA A 31 21.61 -7.01 6.84
C ALA A 31 22.95 -7.04 6.12
N GLY A 32 23.18 -8.07 5.33
CA GLY A 32 24.40 -8.19 4.57
C GLY A 32 25.63 -8.40 5.41
N VAL A 33 25.49 -9.01 6.58
CA VAL A 33 26.64 -9.30 7.40
C VAL A 33 27.60 -10.15 6.57
N GLY A 34 28.89 -9.91 6.70
CA GLY A 34 29.85 -10.63 5.89
C GLY A 34 30.37 -9.81 4.72
N ASN A 35 29.56 -8.86 4.25
CA ASN A 35 29.96 -7.93 3.21
C ASN A 35 30.94 -6.97 3.85
N ASP A 36 32.02 -6.66 3.15
CA ASP A 36 33.11 -5.89 3.74
C ASP A 36 32.84 -4.44 4.06
N GLN A 37 32.11 -3.75 3.21
CA GLN A 37 31.83 -2.34 3.41
C GLN A 37 30.47 -2.11 4.06
N THR A 38 30.50 -1.54 5.26
CA THR A 38 29.30 -1.22 6.00
C THR A 38 28.68 0.04 5.45
N VAL A 39 27.36 0.12 5.38
N VAL A 39 27.37 0.13 5.39
CA VAL A 39 26.69 1.36 4.99
CA VAL A 39 26.71 1.37 5.00
C VAL A 39 25.52 1.60 5.94
C VAL A 39 25.53 1.60 5.93
N VAL A 40 25.39 2.85 6.38
CA VAL A 40 24.35 3.27 7.30
C VAL A 40 23.28 4.09 6.59
N LEU A 41 22.02 3.70 6.78
CA LEU A 41 20.89 4.40 6.19
C LEU A 41 20.09 5.12 7.26
N LEU A 42 19.73 6.36 6.96
CA LEU A 42 18.96 7.20 7.85
C LEU A 42 17.68 7.65 7.16
N HIS A 43 16.55 7.18 7.65
CA HIS A 43 15.25 7.42 7.04
C HIS A 43 14.73 8.86 7.12
N GLY A 44 13.62 9.09 6.44
CA GLY A 44 12.92 10.37 6.42
C GLY A 44 12.11 10.67 7.67
N GLY A 45 11.56 11.88 7.75
CA GLY A 45 10.90 12.34 8.96
C GLY A 45 9.39 12.38 9.16
N GLY A 46 8.62 11.69 8.33
CA GLY A 46 7.18 11.62 8.57
C GLY A 46 6.90 10.96 9.91
N PRO A 47 5.83 11.40 10.58
CA PRO A 47 5.52 10.92 11.93
C PRO A 47 5.47 9.39 12.10
N GLY A 48 4.94 8.67 11.11
CA GLY A 48 4.88 7.23 11.21
C GLY A 48 5.98 6.52 10.44
N ALA A 49 7.03 7.25 10.12
CA ALA A 49 8.14 6.72 9.34
C ALA A 49 9.14 5.96 10.20
N ALA A 50 9.83 5.02 9.59
CA ALA A 50 10.82 4.21 10.26
C ALA A 50 11.75 3.61 9.22
N SER A 51 12.80 2.94 9.66
CA SER A 51 13.77 2.37 8.74
C SER A 51 13.13 1.36 7.80
N TRP A 52 12.46 0.37 8.39
CA TRP A 52 11.90 -0.70 7.60
C TRP A 52 10.90 -0.25 6.52
N THR A 53 10.03 0.67 6.84
CA THR A 53 9.06 1.11 5.85
C THR A 53 9.68 2.09 4.86
N ASN A 54 10.53 2.97 5.35
CA ASN A 54 11.19 3.94 4.51
C ASN A 54 12.04 3.25 3.44
N PHE A 55 12.81 2.25 3.85
CA PHE A 55 13.76 1.60 2.97
C PHE A 55 13.39 0.18 2.53
N SER A 56 12.10 -0.06 2.36
CA SER A 56 11.60 -1.37 1.97
C SER A 56 12.11 -1.83 0.61
N ARG A 57 12.04 -0.93 -0.36
CA ARG A 57 12.46 -1.27 -1.72
C ARG A 57 13.97 -1.19 -1.88
N ASN A 58 14.69 -1.03 -0.77
CA ASN A 58 16.13 -0.82 -0.83
C ASN A 58 17.07 -1.72 -0.02
N ILE A 59 16.72 -2.04 1.22
CA ILE A 59 17.59 -2.77 2.12
C ILE A 59 18.04 -4.13 1.58
N ALA A 60 17.11 -4.89 1.05
CA ALA A 60 17.43 -6.21 0.54
C ALA A 60 18.39 -6.08 -0.63
N VAL A 61 18.14 -5.09 -1.49
CA VAL A 61 18.99 -4.85 -2.64
C VAL A 61 20.39 -4.42 -2.23
N LEU A 62 20.49 -3.38 -1.40
CA LEU A 62 21.79 -2.90 -0.98
C LEU A 62 22.54 -3.96 -0.17
N ALA A 63 21.78 -4.81 0.51
CA ALA A 63 22.37 -5.84 1.36
C ALA A 63 23.09 -6.89 0.53
N ARG A 64 22.80 -6.91 -0.76
CA ARG A 64 23.49 -7.81 -1.67
C ARG A 64 24.93 -7.37 -1.86
N HIS A 65 25.19 -6.08 -1.68
CA HIS A 65 26.52 -5.51 -1.90
C HIS A 65 27.20 -5.02 -0.63
N PHE A 66 26.43 -4.60 0.35
CA PHE A 66 27.01 -4.04 1.56
C PHE A 66 26.45 -4.65 2.84
N HIS A 67 27.15 -4.40 3.92
CA HIS A 67 26.69 -4.69 5.27
C HIS A 67 25.84 -3.51 5.69
N VAL A 68 24.53 -3.70 5.66
CA VAL A 68 23.56 -2.62 5.86
C VAL A 68 23.12 -2.48 7.32
N LEU A 69 23.26 -1.26 7.85
CA LEU A 69 22.70 -0.92 9.14
C LEU A 69 21.70 0.19 8.92
N ALA A 70 20.41 -0.16 8.98
CA ALA A 70 19.34 0.82 8.83
C ALA A 70 18.83 1.19 10.22
N VAL A 71 19.15 2.40 10.66
CA VAL A 71 18.87 2.83 12.00
C VAL A 71 17.61 3.67 12.15
N ASP A 72 16.78 3.37 13.15
CA ASP A 72 15.63 4.20 13.45
C ASP A 72 16.15 5.42 14.21
N GLN A 73 15.91 6.63 13.70
CA GLN A 73 16.38 7.85 14.36
C GLN A 73 15.58 8.12 15.64
N PRO A 74 16.23 8.66 16.67
CA PRO A 74 15.54 8.92 17.93
C PRO A 74 14.20 9.61 17.67
N GLY A 75 13.13 9.10 18.27
CA GLY A 75 11.82 9.67 18.06
C GLY A 75 11.02 8.97 16.97
N TYR A 76 11.60 7.95 16.36
CA TYR A 76 10.96 7.23 15.28
C TYR A 76 11.08 5.74 15.47
N GLY A 77 10.14 5.02 14.87
CA GLY A 77 10.13 3.58 14.88
C GLY A 77 10.20 3.01 16.27
N HIS A 78 11.22 2.21 16.53
CA HIS A 78 11.38 1.60 17.84
C HIS A 78 12.55 2.16 18.65
N SER A 79 13.06 3.32 18.24
CA SER A 79 14.07 3.99 19.02
C SER A 79 13.37 4.83 20.08
N ASP A 80 14.07 5.16 21.15
CA ASP A 80 13.53 5.96 22.24
C ASP A 80 12.84 7.16 21.67
N LYS A 81 11.76 7.59 22.31
CA LYS A 81 11.04 8.78 21.85
C LYS A 81 10.93 9.80 23.00
N ARG A 82 12.01 10.53 23.23
CA ARG A 82 12.06 11.49 24.33
C ARG A 82 11.13 12.68 24.13
N ALA A 83 10.71 13.28 25.24
CA ALA A 83 9.80 14.39 25.20
C ALA A 83 10.52 15.71 24.99
N GLU A 84 11.84 15.67 24.99
CA GLU A 84 12.66 16.87 24.83
C GLU A 84 14.06 16.60 24.32
N HIS A 85 14.58 17.51 23.51
CA HIS A 85 15.91 17.41 22.93
C HIS A 85 16.25 18.72 22.23
N GLY A 86 17.51 18.95 21.97
CA GLY A 86 17.94 20.13 21.25
C GLY A 86 17.77 19.99 19.74
N GLN A 87 18.46 20.83 18.98
CA GLN A 87 18.40 20.75 17.53
C GLN A 87 18.42 19.27 17.21
N PHE A 88 17.40 18.82 16.50
CA PHE A 88 17.17 17.39 16.28
C PHE A 88 18.33 16.69 15.59
N ASN A 89 18.87 17.30 14.54
CA ASN A 89 19.91 16.67 13.76
C ASN A 89 21.18 16.47 14.59
N ARG A 90 21.50 17.45 15.41
CA ARG A 90 22.66 17.37 16.30
C ARG A 90 22.47 16.29 17.37
N TYR A 91 21.22 16.15 17.83
CA TYR A 91 20.83 15.13 18.81
C TYR A 91 20.92 13.73 18.22
N ALA A 92 20.31 13.54 17.06
CA ALA A 92 20.39 12.26 16.37
C ALA A 92 21.82 11.92 16.00
N ALA A 93 22.63 12.94 15.70
CA ALA A 93 24.03 12.74 15.37
C ALA A 93 24.80 12.17 16.54
N MET A 94 24.54 12.70 17.72
CA MET A 94 25.17 12.25 18.96
C MET A 94 24.86 10.77 19.20
N ALA A 95 23.62 10.38 18.93
CA ALA A 95 23.22 8.98 19.08
C ALA A 95 23.92 8.09 18.07
N LEU A 96 24.15 8.58 16.87
CA LEU A 96 24.79 7.78 15.86
C LEU A 96 26.26 7.59 16.25
N LYS A 97 26.84 8.62 16.83
CA LYS A 97 28.23 8.56 17.25
C LYS A 97 28.37 7.46 18.32
N GLY A 98 27.44 7.46 19.27
CA GLY A 98 27.40 6.43 20.29
C GLY A 98 27.31 5.05 19.69
N LEU A 99 26.50 4.89 18.64
CA LEU A 99 26.35 3.61 17.98
C LEU A 99 27.61 3.17 17.25
N PHE A 100 28.20 4.12 16.53
CA PHE A 100 29.45 3.91 15.80
C PHE A 100 30.52 3.38 16.74
N ASP A 101 30.69 4.07 17.85
CA ASP A 101 31.69 3.71 18.83
C ASP A 101 31.42 2.32 19.40
N GLN A 102 30.17 2.04 19.71
CA GLN A 102 29.79 0.76 20.26
C GLN A 102 29.95 -0.41 19.31
N LEU A 103 29.70 -0.18 18.03
CA LEU A 103 29.84 -1.22 17.03
C LEU A 103 31.25 -1.26 16.42
N GLY A 104 32.14 -0.40 16.89
CA GLY A 104 33.52 -0.42 16.47
C GLY A 104 33.69 0.06 15.05
N LEU A 105 32.68 0.73 14.54
CA LEU A 105 32.77 1.33 13.21
C LEU A 105 33.78 2.48 13.17
N GLY A 106 34.47 2.61 12.05
CA GLY A 106 35.37 3.71 11.86
C GLY A 106 34.87 4.90 11.07
N ARG A 107 35.17 4.90 9.78
CA ARG A 107 34.69 5.89 8.79
C ARG A 107 33.80 5.13 7.84
N VAL A 108 32.51 5.45 7.86
CA VAL A 108 31.48 4.72 7.16
C VAL A 108 30.62 5.62 6.26
N PRO A 109 30.23 5.16 5.09
CA PRO A 109 29.39 6.01 4.24
C PRO A 109 27.98 6.09 4.78
N LEU A 110 27.27 7.18 4.51
CA LEU A 110 25.92 7.37 4.99
C LEU A 110 24.94 7.71 3.87
N VAL A 111 23.79 7.05 3.90
CA VAL A 111 22.69 7.30 2.99
C VAL A 111 21.53 7.85 3.78
N GLY A 112 21.09 9.06 3.49
CA GLY A 112 20.01 9.61 4.26
C GLY A 112 19.03 10.42 3.48
N ASN A 113 17.73 10.19 3.70
CA ASN A 113 16.76 11.01 3.01
C ASN A 113 16.02 11.94 3.95
N ALA A 114 15.65 13.08 3.40
CA ALA A 114 14.89 14.09 4.14
C ALA A 114 15.55 14.39 5.50
N LEU A 115 14.78 14.27 6.58
CA LEU A 115 15.33 14.53 7.91
C LEU A 115 16.61 13.71 8.11
N GLY A 116 16.60 12.47 7.65
CA GLY A 116 17.74 11.58 7.81
C GLY A 116 18.98 12.03 7.04
N GLY A 117 18.77 12.78 5.96
CA GLY A 117 19.89 13.38 5.25
C GLY A 117 20.51 14.51 6.07
N GLY A 118 19.65 15.27 6.73
CA GLY A 118 20.09 16.33 7.61
C GLY A 118 20.94 15.80 8.76
N THR A 119 20.58 14.62 9.26
CA THR A 119 21.34 13.97 10.32
C THR A 119 22.67 13.45 9.80
N ALA A 120 22.66 12.85 8.60
CA ALA A 120 23.89 12.41 7.97
C ALA A 120 24.89 13.54 7.87
N VAL A 121 24.44 14.70 7.38
CA VAL A 121 25.29 15.87 7.20
C VAL A 121 25.79 16.42 8.54
N ARG A 122 24.88 16.60 9.50
CA ARG A 122 25.27 17.09 10.83
C ARG A 122 26.33 16.20 11.45
N PHE A 123 26.22 14.90 11.20
CA PHE A 123 27.18 13.93 11.68
C PHE A 123 28.51 14.13 10.97
N ALA A 124 28.46 14.33 9.66
CA ALA A 124 29.66 14.51 8.86
C ALA A 124 30.41 15.78 9.22
N LEU A 125 29.68 16.78 9.70
CA LEU A 125 30.29 18.03 10.10
C LEU A 125 30.81 17.96 11.53
N ASP A 126 30.02 17.36 12.41
CA ASP A 126 30.39 17.25 13.82
C ASP A 126 31.48 16.22 14.12
N TYR A 127 31.51 15.14 13.35
CA TYR A 127 32.47 14.05 13.52
C TYR A 127 33.04 13.75 12.12
N PRO A 128 33.75 14.72 11.58
CA PRO A 128 34.27 14.66 10.21
C PRO A 128 35.04 13.40 9.86
N ALA A 129 35.73 12.80 10.81
CA ALA A 129 36.52 11.61 10.52
C ALA A 129 35.69 10.33 10.34
N ARG A 130 34.50 10.31 10.90
CA ARG A 130 33.69 9.09 10.95
C ARG A 130 32.74 8.92 9.77
N ALA A 131 32.61 9.96 8.98
CA ALA A 131 31.73 9.92 7.81
C ALA A 131 32.46 9.80 6.48
N GLY A 132 32.09 8.81 5.70
CA GLY A 132 32.66 8.62 4.37
C GLY A 132 31.77 9.31 3.35
N ARG A 133 31.65 8.70 2.17
CA ARG A 133 30.81 9.25 1.12
C ARG A 133 29.37 9.38 1.60
N LEU A 134 28.67 10.41 1.13
CA LEU A 134 27.30 10.65 1.49
C LEU A 134 26.39 10.57 0.28
N VAL A 135 25.26 9.88 0.44
CA VAL A 135 24.20 9.86 -0.54
C VAL A 135 23.02 10.47 0.18
N LEU A 136 22.51 11.57 -0.36
CA LEU A 136 21.47 12.34 0.30
C LEU A 136 20.26 12.58 -0.62
N MET A 137 19.08 12.06 -0.23
CA MET A 137 17.89 12.20 -1.08
C MET A 137 16.95 13.24 -0.50
N GLY A 138 16.64 14.28 -1.28
CA GLY A 138 15.85 15.40 -0.82
C GLY A 138 16.14 15.79 0.63
N PRO A 139 17.42 15.97 0.95
CA PRO A 139 17.86 16.22 2.33
C PRO A 139 17.44 17.55 2.95
N GLY A 140 17.15 17.53 4.24
CA GLY A 140 16.90 18.75 4.98
C GLY A 140 18.24 19.24 5.49
N GLY A 141 18.23 20.35 6.22
CA GLY A 141 19.45 20.86 6.81
C GLY A 141 20.48 21.54 5.94
N LEU A 142 20.95 20.86 4.88
CA LEU A 142 21.85 21.52 3.96
C LEU A 142 21.12 22.22 2.83
N SER A 143 19.81 22.02 2.77
CA SER A 143 19.00 22.68 1.76
C SER A 143 18.52 24.02 2.29
N ILE A 144 18.46 24.98 1.38
CA ILE A 144 17.89 26.28 1.67
C ILE A 144 17.10 26.61 0.42
N ASN A 145 15.79 26.76 0.57
CA ASN A 145 14.90 26.96 -0.57
C ASN A 145 14.98 28.36 -1.15
N LEU A 146 15.89 28.57 -2.09
CA LEU A 146 16.12 29.92 -2.61
C LEU A 146 14.88 30.57 -3.25
N PHE A 147 13.94 29.77 -3.75
CA PHE A 147 12.77 30.33 -4.43
C PHE A 147 11.42 30.03 -3.73
N ALA A 148 11.29 28.85 -3.15
CA ALA A 148 10.01 28.45 -2.53
C ALA A 148 9.79 29.11 -1.17
N PRO A 149 8.62 29.75 -0.97
CA PRO A 149 8.33 30.34 0.33
C PRO A 149 8.26 29.25 1.40
N ASP A 150 8.79 29.55 2.58
CA ASP A 150 8.83 28.60 3.71
C ASP A 150 7.79 29.03 4.74
N PRO A 151 7.11 28.06 5.40
CA PRO A 151 7.24 26.63 5.23
C PRO A 151 6.63 26.22 3.91
N THR A 152 7.21 25.23 3.25
CA THR A 152 6.65 24.65 2.04
C THR A 152 5.34 23.94 2.33
N GLU A 153 4.63 23.61 1.27
CA GLU A 153 3.40 22.90 1.38
C GLU A 153 3.63 21.61 2.18
N GLY A 154 4.68 20.88 1.83
CA GLY A 154 4.99 19.66 2.54
C GLY A 154 5.22 19.86 4.02
N VAL A 155 5.97 20.89 4.39
CA VAL A 155 6.22 21.16 5.77
C VAL A 155 4.94 21.60 6.47
N LYS A 156 4.16 22.44 5.82
CA LYS A 156 2.93 22.91 6.41
C LYS A 156 1.96 21.77 6.68
N ARG A 157 1.87 20.84 5.74
CA ARG A 157 0.97 19.70 5.92
C ARG A 157 1.37 18.83 7.10
N LEU A 158 2.67 18.69 7.34
CA LEU A 158 3.14 17.93 8.49
C LEU A 158 2.80 18.67 9.77
N SER A 159 2.91 19.99 9.73
CA SER A 159 2.55 20.82 10.86
C SER A 159 1.08 20.70 11.20
N LYS A 160 0.24 20.66 10.18
CA LYS A 160 -1.19 20.55 10.42
C LYS A 160 -1.52 19.25 11.14
N PHE A 161 -0.94 18.16 10.67
CA PHE A 161 -1.17 16.87 11.32
C PHE A 161 -0.66 16.90 12.75
N SER A 162 0.46 17.59 12.97
CA SER A 162 1.01 17.69 14.31
C SER A 162 0.03 18.38 15.29
N VAL A 163 -0.79 19.29 14.80
CA VAL A 163 -1.75 19.98 15.65
C VAL A 163 -3.11 19.28 15.65
N ALA A 164 -3.42 18.59 14.58
CA ALA A 164 -4.69 17.90 14.45
C ALA A 164 -4.45 16.53 13.85
N PRO A 165 -4.16 15.55 14.71
CA PRO A 165 -3.76 14.23 14.23
C PRO A 165 -4.92 13.35 13.76
N THR A 166 -5.47 13.69 12.60
CA THR A 166 -6.54 12.93 11.99
C THR A 166 -6.07 12.17 10.75
N ARG A 167 -6.81 11.14 10.38
CA ARG A 167 -6.50 10.39 9.18
C ARG A 167 -6.54 11.31 7.97
N GLU A 168 -7.51 12.21 7.92
CA GLU A 168 -7.63 13.12 6.80
C GLU A 168 -6.36 13.93 6.62
N ASN A 169 -5.85 14.49 7.71
CA ASN A 169 -4.64 15.29 7.64
C ASN A 169 -3.39 14.50 7.26
N LEU A 170 -3.33 13.25 7.68
CA LEU A 170 -2.17 12.43 7.33
C LEU A 170 -2.23 12.08 5.86
N GLU A 171 -3.42 11.77 5.34
CA GLU A 171 -3.55 11.47 3.94
C GLU A 171 -3.11 12.65 3.08
N ALA A 172 -3.51 13.84 3.48
CA ALA A 172 -3.16 15.04 2.73
C ALA A 172 -1.65 15.23 2.73
N PHE A 173 -1.03 14.96 3.86
CA PHE A 173 0.41 15.02 4.02
C PHE A 173 1.11 14.03 3.11
N LEU A 174 0.68 12.78 3.18
CA LEU A 174 1.29 11.72 2.39
C LEU A 174 1.19 12.00 0.91
N ARG A 175 0.07 12.59 0.50
CA ARG A 175 -0.18 12.85 -0.90
C ARG A 175 0.79 13.85 -1.51
N VAL A 176 1.46 14.65 -0.69
CA VAL A 176 2.47 15.56 -1.20
C VAL A 176 3.85 14.98 -0.99
N MET A 177 3.92 13.69 -0.65
CA MET A 177 5.22 13.01 -0.56
C MET A 177 5.62 12.37 -1.89
N VAL A 178 4.65 12.19 -2.79
CA VAL A 178 4.86 11.44 -4.03
C VAL A 178 4.34 12.20 -5.25
N TYR A 179 4.90 11.87 -6.42
CA TYR A 179 4.39 12.37 -7.70
C TYR A 179 3.14 11.57 -8.11
N ASP A 180 3.27 10.25 -8.06
CA ASP A 180 2.16 9.35 -8.38
C ASP A 180 1.29 9.15 -7.16
N LYS A 181 0.27 9.97 -7.02
CA LYS A 181 -0.58 9.94 -5.83
C LYS A 181 -1.31 8.61 -5.64
N ASN A 182 -1.30 7.79 -6.68
CA ASN A 182 -1.88 6.46 -6.62
C ASN A 182 -1.10 5.58 -5.64
N LEU A 183 0.09 6.02 -5.30
CA LEU A 183 0.92 5.29 -4.37
C LEU A 183 0.37 5.44 -2.94
N ILE A 184 -0.45 6.46 -2.74
CA ILE A 184 -1.03 6.69 -1.44
C ILE A 184 -2.35 5.95 -1.34
N THR A 185 -2.26 4.66 -1.04
CA THR A 185 -3.42 3.80 -0.98
C THR A 185 -4.03 3.83 0.42
N PRO A 186 -5.27 3.39 0.54
CA PRO A 186 -5.92 3.35 1.84
C PRO A 186 -5.11 2.56 2.84
N GLU A 187 -4.52 1.46 2.40
CA GLU A 187 -3.72 0.63 3.30
C GLU A 187 -2.51 1.39 3.82
N LEU A 188 -1.82 2.08 2.93
CA LEU A 188 -0.67 2.87 3.33
C LEU A 188 -1.10 3.94 4.32
N VAL A 189 -2.20 4.61 4.04
CA VAL A 189 -2.70 5.64 4.92
C VAL A 189 -3.03 5.11 6.31
N ASP A 190 -3.79 4.00 6.35
CA ASP A 190 -4.16 3.38 7.61
C ASP A 190 -2.93 2.93 8.39
N GLN A 191 -1.98 2.32 7.70
CA GLN A 191 -0.76 1.84 8.35
C GLN A 191 0.04 2.95 8.99
N ARG A 192 0.30 4.02 8.22
CA ARG A 192 1.09 5.11 8.75
C ARG A 192 0.35 5.81 9.88
N PHE A 193 -0.96 5.94 9.74
CA PHE A 193 -1.76 6.61 10.74
C PHE A 193 -1.76 5.90 12.09
N ALA A 194 -1.77 4.56 12.07
CA ALA A 194 -1.73 3.80 13.31
C ALA A 194 -0.46 4.08 14.08
N LEU A 195 0.64 4.25 13.36
CA LEU A 195 1.93 4.51 14.00
C LEU A 195 2.13 5.96 14.37
N ALA A 196 1.61 6.85 13.53
CA ALA A 196 1.81 8.27 13.72
C ALA A 196 0.97 8.84 14.84
N SER A 197 -0.10 8.17 15.20
CA SER A 197 -1.03 8.70 16.19
C SER A 197 -0.94 8.08 17.57
N THR A 198 0.07 7.26 17.81
CA THR A 198 0.28 6.72 19.13
C THR A 198 0.73 7.84 20.04
N PRO A 199 0.52 7.67 21.33
CA PRO A 199 0.94 8.67 22.31
C PRO A 199 2.43 8.99 22.20
N GLU A 200 3.25 7.97 22.02
CA GLU A 200 4.69 8.19 21.92
C GLU A 200 5.08 9.01 20.70
N SER A 201 4.43 8.76 19.56
CA SER A 201 4.73 9.51 18.36
C SER A 201 4.29 10.96 18.51
N LEU A 202 3.19 11.17 19.22
CA LEU A 202 2.73 12.52 19.48
C LEU A 202 3.73 13.24 20.38
N THR A 203 4.29 12.53 21.35
CA THR A 203 5.31 13.09 22.22
C THR A 203 6.51 13.50 21.38
N ALA A 204 6.93 12.62 20.49
CA ALA A 204 8.05 12.88 19.59
C ALA A 204 7.80 14.14 18.76
N THR A 205 6.57 14.26 18.27
CA THR A 205 6.17 15.39 17.47
C THR A 205 6.20 16.69 18.29
N ARG A 206 5.69 16.63 19.50
CA ARG A 206 5.69 17.78 20.39
C ARG A 206 7.13 18.16 20.73
N ALA A 207 8.01 17.16 20.82
CA ALA A 207 9.42 17.40 21.11
C ALA A 207 10.08 18.07 19.91
N MET A 208 9.77 17.58 18.72
CA MET A 208 10.35 18.17 17.53
C MET A 208 9.96 19.63 17.45
N GLY A 209 8.69 19.92 17.71
CA GLY A 209 8.18 21.26 17.63
C GLY A 209 8.90 22.25 18.53
N LYS A 210 9.13 21.83 19.77
CA LYS A 210 9.76 22.69 20.76
C LYS A 210 11.24 22.91 20.48
N SER A 211 11.85 21.95 19.81
CA SER A 211 13.26 22.04 19.47
C SER A 211 13.49 23.12 18.44
N PHE A 212 12.49 23.36 17.60
CA PHE A 212 12.59 24.33 16.52
C PHE A 212 12.99 25.71 17.05
N ALA A 213 12.47 26.05 18.22
CA ALA A 213 12.68 27.36 18.82
C ALA A 213 13.75 27.36 19.88
N GLY A 214 14.77 26.53 19.71
CA GLY A 214 15.87 26.48 20.64
C GLY A 214 16.91 27.49 20.24
N ALA A 215 17.88 27.70 21.11
CA ALA A 215 18.95 28.66 20.87
C ALA A 215 20.03 28.11 19.95
N ASP A 216 19.97 26.81 19.69
CA ASP A 216 20.94 26.12 18.86
C ASP A 216 20.44 25.97 17.42
N PHE A 217 19.58 26.86 16.97
CA PHE A 217 19.00 26.76 15.64
C PHE A 217 20.03 26.77 14.50
N GLU A 218 21.17 27.40 14.75
CA GLU A 218 22.22 27.51 13.74
C GLU A 218 22.70 26.15 13.25
N ALA A 219 22.72 25.16 14.13
CA ALA A 219 23.15 23.81 13.79
C ALA A 219 22.31 23.22 12.67
N GLY A 220 21.07 23.68 12.56
CA GLY A 220 20.17 23.22 11.51
C GLY A 220 20.40 23.90 10.17
N MET A 221 21.08 25.04 10.20
CA MET A 221 21.34 25.81 8.99
C MET A 221 22.62 25.32 8.33
N MET A 222 22.62 24.06 7.92
CA MET A 222 23.86 23.41 7.49
C MET A 222 24.41 23.91 6.14
N TRP A 223 23.58 24.65 5.42
CA TRP A 223 24.00 25.20 4.14
C TRP A 223 25.17 26.18 4.36
N ARG A 224 25.33 26.68 5.57
CA ARG A 224 26.42 27.59 5.87
C ARG A 224 27.76 26.89 6.10
N GLU A 225 27.72 25.57 6.21
CA GLU A 225 28.86 24.76 6.60
C GLU A 225 29.37 23.73 5.62
N VAL A 226 28.54 23.27 4.70
CA VAL A 226 28.94 22.14 3.86
C VAL A 226 30.15 22.38 2.94
N TYR A 227 30.62 23.62 2.85
CA TYR A 227 31.83 23.91 2.13
C TYR A 227 33.00 23.27 2.86
N ARG A 228 32.82 22.85 4.12
N ARG A 228 32.82 22.84 4.11
CA ARG A 228 33.88 22.11 4.84
CA ARG A 228 33.88 22.09 4.83
C ARG A 228 34.11 20.57 4.57
C ARG A 228 34.12 20.56 4.55
N LEU A 229 33.13 19.96 3.88
CA LEU A 229 33.06 18.55 3.61
C LEU A 229 34.06 18.21 2.52
N ARG A 230 34.85 17.20 2.79
CA ARG A 230 35.91 16.82 1.89
C ARG A 230 35.61 15.59 1.04
N GLN A 231 34.56 14.86 1.40
CA GLN A 231 34.22 13.63 0.69
C GLN A 231 33.30 13.83 -0.50
N PRO A 232 33.26 12.84 -1.38
CA PRO A 232 32.30 12.85 -2.46
C PRO A 232 30.90 12.81 -1.88
N VAL A 233 29.98 13.61 -2.40
CA VAL A 233 28.60 13.66 -1.93
C VAL A 233 27.65 13.60 -3.13
N LEU A 234 26.79 12.58 -3.17
CA LEU A 234 25.79 12.44 -4.23
C LEU A 234 24.44 12.97 -3.73
N LEU A 235 24.03 14.14 -4.23
CA LEU A 235 22.70 14.65 -3.92
C LEU A 235 21.73 14.02 -4.90
N ILE A 236 20.60 13.51 -4.41
CA ILE A 236 19.58 12.94 -5.30
C ILE A 236 18.24 13.62 -5.02
N TRP A 237 17.58 14.11 -6.06
CA TRP A 237 16.34 14.87 -5.89
C TRP A 237 15.24 14.39 -6.83
N GLY A 238 14.00 14.39 -6.33
CA GLY A 238 12.85 14.24 -7.21
C GLY A 238 12.48 15.62 -7.73
N ARG A 239 12.33 15.76 -9.04
CA ARG A 239 12.02 17.06 -9.62
C ARG A 239 10.77 17.67 -8.99
N GLU A 240 9.77 16.82 -8.70
CA GLU A 240 8.51 17.29 -8.13
C GLU A 240 8.44 17.18 -6.59
N ASP A 241 9.60 17.25 -5.93
CA ASP A 241 9.63 17.25 -4.45
C ASP A 241 8.92 18.47 -3.86
N ARG A 242 7.86 18.22 -3.09
CA ARG A 242 7.03 19.29 -2.54
C ARG A 242 7.29 19.54 -1.05
N VAL A 243 8.24 18.82 -0.48
CA VAL A 243 8.64 19.02 0.92
C VAL A 243 9.93 19.84 1.00
N ASN A 244 10.99 19.30 0.41
CA ASN A 244 12.26 20.00 0.23
C ASN A 244 12.48 20.14 -1.28
N PRO A 245 12.02 21.26 -1.87
CA PRO A 245 11.97 21.36 -3.34
C PRO A 245 13.36 21.48 -3.97
N LEU A 246 13.43 21.21 -5.27
CA LEU A 246 14.70 21.20 -6.01
C LEU A 246 15.59 22.43 -5.84
N ASP A 247 15.01 23.62 -5.70
CA ASP A 247 15.82 24.84 -5.52
C ASP A 247 16.69 24.77 -4.25
N GLY A 248 16.33 23.86 -3.35
CA GLY A 248 17.08 23.67 -2.12
C GLY A 248 18.43 23.01 -2.32
N ALA A 249 18.65 22.45 -3.51
CA ALA A 249 19.89 21.73 -3.81
C ALA A 249 21.09 22.65 -4.13
N LEU A 250 20.82 23.91 -4.45
CA LEU A 250 21.77 24.76 -5.15
C LEU A 250 23.00 25.17 -4.34
N VAL A 251 22.79 25.62 -3.10
CA VAL A 251 23.93 26.06 -2.28
C VAL A 251 24.90 24.90 -2.03
N ALA A 252 24.35 23.72 -1.73
CA ALA A 252 25.14 22.53 -1.49
C ALA A 252 25.87 22.03 -2.75
N LEU A 253 25.19 22.06 -3.90
CA LEU A 253 25.85 21.65 -5.13
C LEU A 253 27.04 22.57 -5.43
N LYS A 254 26.85 23.86 -5.21
CA LYS A 254 27.88 24.85 -5.51
C LYS A 254 29.08 24.79 -4.58
N THR A 255 28.80 24.69 -3.28
CA THR A 255 29.82 24.79 -2.26
C THR A 255 30.52 23.50 -1.81
N ILE A 256 29.90 22.35 -2.05
CA ILE A 256 30.57 21.10 -1.72
C ILE A 256 31.52 20.73 -2.85
N PRO A 257 32.82 20.80 -2.59
CA PRO A 257 33.82 20.56 -3.62
C PRO A 257 33.57 19.32 -4.47
N ARG A 258 33.39 18.17 -3.85
CA ARG A 258 33.21 16.93 -4.61
C ARG A 258 31.75 16.50 -4.74
N ALA A 259 30.87 17.48 -4.88
CA ALA A 259 29.46 17.20 -5.01
C ALA A 259 29.07 16.73 -6.40
N GLN A 260 27.98 15.97 -6.44
CA GLN A 260 27.32 15.57 -7.66
C GLN A 260 25.84 15.71 -7.39
N LEU A 261 25.07 15.92 -8.43
CA LEU A 261 23.61 15.97 -8.28
C LEU A 261 22.90 15.10 -9.34
N HIS A 262 21.94 14.29 -8.92
CA HIS A 262 21.07 13.57 -9.87
C HIS A 262 19.61 13.92 -9.61
N VAL A 263 18.92 14.40 -10.64
CA VAL A 263 17.52 14.75 -10.49
C VAL A 263 16.68 13.81 -11.37
N PHE A 264 15.63 13.23 -10.78
CA PHE A 264 14.70 12.37 -11.52
C PHE A 264 13.40 13.10 -11.80
N GLY A 265 13.05 13.25 -13.08
CA GLY A 265 11.74 13.76 -13.44
C GLY A 265 10.66 12.74 -13.11
N GLN A 266 9.45 13.21 -12.82
CA GLN A 266 8.34 12.33 -12.47
C GLN A 266 8.62 11.56 -11.17
N CYS A 267 9.00 12.29 -10.14
CA CYS A 267 9.40 11.70 -8.88
C CYS A 267 9.26 12.76 -7.80
N GLY A 268 8.68 12.38 -6.67
CA GLY A 268 8.49 13.29 -5.55
C GLY A 268 9.53 13.19 -4.45
N HIS A 269 9.13 13.50 -3.23
CA HIS A 269 10.01 13.48 -2.09
C HIS A 269 10.54 12.10 -1.72
N TRP A 270 9.79 11.05 -2.06
CA TRP A 270 10.20 9.70 -1.73
C TRP A 270 10.96 9.04 -2.87
N VAL A 271 12.19 9.50 -3.10
CA VAL A 271 13.00 9.03 -4.21
C VAL A 271 13.22 7.52 -4.13
N GLN A 272 13.50 7.03 -2.94
CA GLN A 272 13.84 5.62 -2.76
C GLN A 272 12.65 4.72 -3.10
N VAL A 273 11.45 5.28 -3.10
CA VAL A 273 10.24 4.52 -3.45
C VAL A 273 9.85 4.63 -4.93
N GLU A 274 9.68 5.87 -5.37
CA GLU A 274 9.23 6.17 -6.72
C GLU A 274 10.24 5.84 -7.80
N LYS A 275 11.52 5.89 -7.45
CA LYS A 275 12.59 5.55 -8.38
C LYS A 275 13.54 4.58 -7.70
N PHE A 276 12.98 3.57 -7.05
CA PHE A 276 13.79 2.65 -6.27
C PHE A 276 14.89 1.96 -7.07
N ASP A 277 14.59 1.54 -8.29
CA ASP A 277 15.61 0.86 -9.10
C ASP A 277 16.75 1.80 -9.48
N GLU A 278 16.39 2.96 -10.00
CA GLU A 278 17.38 3.95 -10.39
C GLU A 278 18.17 4.42 -9.18
N PHE A 279 17.50 4.61 -8.06
CA PHE A 279 18.15 5.03 -6.83
C PHE A 279 19.11 3.95 -6.33
N ASN A 280 18.64 2.71 -6.31
CA ASN A 280 19.48 1.61 -5.85
C ASN A 280 20.77 1.53 -6.67
N LYS A 281 20.63 1.63 -7.98
CA LYS A 281 21.79 1.53 -8.85
C LYS A 281 22.78 2.68 -8.70
N LEU A 282 22.29 3.91 -8.56
CA LEU A 282 23.18 5.05 -8.34
C LEU A 282 23.97 4.86 -7.05
N THR A 283 23.26 4.44 -6.02
CA THR A 283 23.87 4.26 -4.72
C THR A 283 24.94 3.18 -4.71
N ILE A 284 24.65 2.05 -5.35
CA ILE A 284 25.63 0.97 -5.39
C ILE A 284 26.90 1.40 -6.10
N GLU A 285 26.75 2.00 -7.28
CA GLU A 285 27.88 2.46 -8.07
C GLU A 285 28.69 3.51 -7.33
N PHE A 286 28.00 4.46 -6.74
CA PHE A 286 28.63 5.53 -6.01
C PHE A 286 29.45 5.03 -4.84
N LEU A 287 28.91 4.09 -4.08
CA LEU A 287 29.56 3.65 -2.88
C LEU A 287 30.63 2.63 -3.20
N GLY A 288 30.91 2.48 -4.48
CA GLY A 288 31.98 1.62 -4.96
C GLY A 288 31.67 0.16 -4.77
N GLY A 289 30.44 -0.23 -5.08
CA GLY A 289 30.00 -1.61 -4.92
C GLY A 289 29.20 -2.10 -6.09
N LEU B 7 -16.36 11.17 -0.47
CA LEU B 7 -16.77 9.78 -0.29
C LEU B 7 -15.77 9.04 0.59
N THR B 8 -16.28 8.49 1.68
CA THR B 8 -15.46 7.75 2.62
C THR B 8 -16.15 6.45 2.96
N PHE B 9 -15.40 5.56 3.60
CA PHE B 9 -15.97 4.29 4.02
C PHE B 9 -17.22 4.56 4.84
N GLU B 10 -17.10 5.50 5.75
CA GLU B 10 -18.14 5.81 6.70
C GLU B 10 -19.35 6.51 6.11
N SER B 11 -19.11 7.45 5.22
CA SER B 11 -20.19 8.22 4.63
C SER B 11 -21.02 7.35 3.71
N THR B 12 -20.43 6.28 3.20
CA THR B 12 -21.13 5.41 2.27
C THR B 12 -21.60 4.12 2.92
N SER B 13 -21.18 3.86 4.15
CA SER B 13 -21.54 2.62 4.84
C SER B 13 -23.03 2.47 5.09
N ARG B 14 -23.59 1.32 4.73
CA ARG B 14 -25.00 1.03 4.95
C ARG B 14 -25.19 -0.40 5.42
N PHE B 15 -26.31 -0.68 6.08
CA PHE B 15 -26.61 -2.01 6.55
C PHE B 15 -28.03 -2.39 6.19
N ALA B 16 -28.27 -3.69 6.07
CA ALA B 16 -29.59 -4.20 5.76
C ALA B 16 -29.74 -5.62 6.28
N GLU B 17 -30.90 -5.93 6.85
CA GLU B 17 -31.16 -7.28 7.33
C GLU B 17 -32.11 -7.95 6.35
N VAL B 18 -31.72 -9.12 5.86
CA VAL B 18 -32.54 -9.85 4.91
C VAL B 18 -32.81 -11.27 5.41
N ASP B 19 -33.74 -11.96 4.76
CA ASP B 19 -34.09 -13.33 5.16
C ASP B 19 -33.46 -14.39 4.27
N VAL B 20 -32.48 -15.10 4.85
CA VAL B 20 -31.91 -16.24 4.17
C VAL B 20 -31.87 -17.31 5.20
N ASP B 21 -33.00 -17.97 5.40
CA ASP B 21 -33.09 -18.98 6.43
C ASP B 21 -32.87 -18.31 7.78
N GLY B 22 -33.43 -17.13 7.95
CA GLY B 22 -33.24 -16.38 9.17
C GLY B 22 -32.55 -15.07 8.89
N PRO B 23 -32.45 -14.22 9.90
CA PRO B 23 -31.82 -12.92 9.73
C PRO B 23 -30.39 -13.05 9.25
N LEU B 24 -30.01 -12.13 8.38
CA LEU B 24 -28.67 -12.05 7.85
C LEU B 24 -28.40 -10.57 7.58
N LYS B 25 -27.42 -10.04 8.29
CA LYS B 25 -27.08 -8.65 8.13
C LYS B 25 -26.06 -8.52 7.01
N LEU B 26 -26.30 -7.55 6.14
CA LEU B 26 -25.41 -7.28 5.02
C LEU B 26 -24.93 -5.86 5.13
N HIS B 27 -23.64 -5.68 4.91
CA HIS B 27 -23.07 -4.35 4.88
C HIS B 27 -22.81 -4.00 3.42
N TYR B 28 -22.91 -2.73 3.09
CA TYR B 28 -22.66 -2.27 1.73
C TYR B 28 -22.37 -0.78 1.70
N HIS B 29 -21.84 -0.31 0.58
CA HIS B 29 -21.55 1.10 0.41
C HIS B 29 -22.39 1.67 -0.70
N GLU B 30 -22.93 2.85 -0.47
CA GLU B 30 -23.78 3.49 -1.45
C GLU B 30 -23.22 4.85 -1.82
N ALA B 31 -23.26 5.15 -3.10
CA ALA B 31 -22.83 6.44 -3.58
C ALA B 31 -23.58 6.73 -4.85
N GLY B 32 -23.42 7.94 -5.36
CA GLY B 32 -24.05 8.35 -6.58
C GLY B 32 -25.55 8.46 -6.45
N VAL B 33 -26.01 8.66 -5.22
CA VAL B 33 -27.44 8.86 -5.00
C VAL B 33 -27.84 10.01 -5.90
N GLY B 34 -28.96 9.87 -6.57
CA GLY B 34 -29.40 10.94 -7.46
C GLY B 34 -29.07 10.62 -8.90
N ASN B 35 -28.42 9.49 -9.12
CA ASN B 35 -28.13 9.06 -10.47
C ASN B 35 -29.25 8.10 -10.87
N ASP B 36 -29.69 8.17 -12.12
CA ASP B 36 -30.85 7.41 -12.57
C ASP B 36 -30.66 5.91 -12.65
N GLN B 37 -29.46 5.45 -12.96
CA GLN B 37 -29.23 4.03 -13.11
C GLN B 37 -28.45 3.41 -11.98
N THR B 38 -29.03 2.41 -11.36
CA THR B 38 -28.42 1.71 -10.25
C THR B 38 -27.51 0.60 -10.75
N VAL B 39 -26.34 0.52 -10.15
N VAL B 39 -26.34 0.51 -10.15
CA VAL B 39 -25.40 -0.54 -10.42
CA VAL B 39 -25.40 -0.56 -10.43
C VAL B 39 -24.90 -1.10 -9.10
C VAL B 39 -24.89 -1.10 -9.10
N VAL B 40 -24.88 -2.40 -9.03
CA VAL B 40 -24.37 -3.14 -7.85
C VAL B 40 -22.97 -3.68 -8.11
N LEU B 41 -22.08 -3.62 -7.14
CA LEU B 41 -20.75 -4.19 -7.32
C LEU B 41 -20.50 -5.34 -6.36
N LEU B 42 -19.97 -6.45 -6.88
CA LEU B 42 -19.66 -7.61 -6.06
C LEU B 42 -18.16 -7.93 -6.10
N HIS B 43 -17.49 -7.69 -4.98
CA HIS B 43 -16.05 -7.82 -4.83
C HIS B 43 -15.52 -9.25 -4.89
N GLY B 44 -14.19 -9.39 -4.96
CA GLY B 44 -13.53 -10.68 -5.02
C GLY B 44 -13.43 -11.40 -3.69
N GLY B 45 -12.91 -12.62 -3.69
CA GLY B 45 -12.88 -13.43 -2.49
C GLY B 45 -11.59 -13.82 -1.80
N GLY B 46 -10.54 -13.00 -1.87
CA GLY B 46 -9.35 -13.28 -1.11
C GLY B 46 -9.61 -12.98 0.36
N PRO B 47 -8.86 -13.61 1.25
CA PRO B 47 -9.03 -13.31 2.67
C PRO B 47 -8.70 -11.84 2.95
N GLY B 48 -9.56 -11.18 3.70
CA GLY B 48 -9.35 -9.80 4.08
C GLY B 48 -9.98 -8.83 3.10
N ALA B 49 -10.48 -9.35 1.98
CA ALA B 49 -11.11 -8.54 0.95
C ALA B 49 -12.52 -8.08 1.30
N ALA B 50 -12.91 -6.93 0.74
CA ALA B 50 -14.22 -6.35 0.97
C ALA B 50 -14.55 -5.38 -0.15
N SER B 51 -15.78 -4.88 -0.14
CA SER B 51 -16.24 -3.97 -1.16
C SER B 51 -15.35 -2.73 -1.25
N TRP B 52 -15.10 -2.09 -0.11
CA TRP B 52 -14.35 -0.84 -0.08
C TRP B 52 -12.91 -0.92 -0.58
N THR B 53 -12.18 -1.97 -0.23
CA THR B 53 -10.81 -2.06 -0.70
C THR B 53 -10.72 -2.62 -2.12
N ASN B 54 -11.62 -3.52 -2.45
CA ASN B 54 -11.66 -4.11 -3.77
C ASN B 54 -11.96 -3.08 -4.85
N PHE B 55 -12.84 -2.14 -4.53
CA PHE B 55 -13.32 -1.17 -5.50
C PHE B 55 -13.02 0.29 -5.20
N SER B 56 -11.91 0.54 -4.52
CA SER B 56 -11.49 1.90 -4.19
C SER B 56 -11.10 2.70 -5.44
N ARG B 57 -10.41 2.06 -6.36
CA ARG B 57 -10.00 2.72 -7.60
C ARG B 57 -11.17 2.91 -8.56
N ASN B 58 -12.37 2.50 -8.13
CA ASN B 58 -13.53 2.49 -9.02
C ASN B 58 -14.84 3.11 -8.53
N ILE B 59 -15.20 2.88 -7.28
CA ILE B 59 -16.46 3.37 -6.73
C ILE B 59 -16.67 4.86 -6.98
N ALA B 60 -15.65 5.65 -6.65
CA ALA B 60 -15.78 7.10 -6.77
C ALA B 60 -15.97 7.52 -8.20
N VAL B 61 -15.34 6.80 -9.12
CA VAL B 61 -15.43 7.13 -10.53
C VAL B 61 -16.79 6.73 -11.09
N LEU B 62 -17.25 5.54 -10.74
CA LEU B 62 -18.53 5.06 -11.24
C LEU B 62 -19.70 5.84 -10.66
N ALA B 63 -19.48 6.42 -9.48
CA ALA B 63 -20.52 7.15 -8.78
C ALA B 63 -20.88 8.43 -9.52
N ARG B 64 -19.98 8.90 -10.37
CA ARG B 64 -20.27 10.08 -11.16
C ARG B 64 -21.33 9.78 -12.20
N HIS B 65 -21.50 8.52 -12.53
CA HIS B 65 -22.44 8.14 -13.59
C HIS B 65 -23.59 7.31 -13.07
N PHE B 66 -23.36 6.57 -12.01
CA PHE B 66 -24.39 5.70 -11.50
C PHE B 66 -24.60 5.83 -10.00
N HIS B 67 -25.74 5.36 -9.56
CA HIS B 67 -26.06 5.14 -8.15
C HIS B 67 -25.42 3.82 -7.76
N VAL B 68 -24.25 3.86 -7.16
CA VAL B 68 -23.51 2.64 -6.89
C VAL B 68 -23.84 1.98 -5.56
N LEU B 69 -24.06 0.67 -5.61
CA LEU B 69 -24.26 -0.14 -4.42
C LEU B 69 -23.21 -1.26 -4.46
N ALA B 70 -22.21 -1.15 -3.60
CA ALA B 70 -21.14 -2.12 -3.49
C ALA B 70 -21.39 -2.96 -2.25
N VAL B 71 -21.73 -4.22 -2.45
CA VAL B 71 -22.15 -5.09 -1.37
C VAL B 71 -21.11 -6.08 -0.86
N ASP B 72 -20.90 -6.08 0.45
CA ASP B 72 -20.04 -7.04 1.08
C ASP B 72 -20.76 -8.36 1.04
N GLN B 73 -20.18 -9.35 0.35
CA GLN B 73 -20.82 -10.64 0.27
C GLN B 73 -20.77 -11.34 1.64
N PRO B 74 -21.75 -12.17 1.92
CA PRO B 74 -21.77 -12.90 3.18
C PRO B 74 -20.40 -13.50 3.45
N GLY B 75 -19.88 -13.32 4.66
CA GLY B 75 -18.60 -13.86 5.04
C GLY B 75 -17.45 -12.89 4.86
N TYR B 76 -17.74 -11.74 4.28
CA TYR B 76 -16.72 -10.74 4.02
C TYR B 76 -17.10 -9.39 4.56
N GLY B 77 -16.09 -8.56 4.79
CA GLY B 77 -16.29 -7.21 5.25
C GLY B 77 -17.04 -7.12 6.55
N HIS B 78 -18.12 -6.37 6.53
CA HIS B 78 -18.95 -6.16 7.71
C HIS B 78 -20.26 -6.91 7.62
N SER B 79 -20.40 -7.76 6.61
CA SER B 79 -21.58 -8.59 6.49
C SER B 79 -21.46 -9.78 7.44
N ASP B 80 -22.58 -10.37 7.80
CA ASP B 80 -22.59 -11.50 8.70
C ASP B 80 -21.65 -12.55 8.15
N LYS B 81 -20.99 -13.27 9.05
CA LYS B 81 -20.05 -14.29 8.64
C LYS B 81 -20.43 -15.61 9.28
N ARG B 82 -21.44 -16.27 8.73
CA ARG B 82 -21.91 -17.56 9.22
C ARG B 82 -20.86 -18.66 9.11
N ALA B 83 -21.00 -19.68 9.93
CA ALA B 83 -20.06 -20.79 9.94
C ALA B 83 -20.56 -21.92 9.08
N GLU B 84 -21.83 -21.87 8.71
CA GLU B 84 -22.42 -22.92 7.89
C GLU B 84 -23.32 -22.32 6.80
N HIS B 85 -23.27 -22.90 5.61
CA HIS B 85 -24.09 -22.44 4.49
C HIS B 85 -23.92 -23.36 3.28
N GLY B 86 -24.79 -23.24 2.31
CA GLY B 86 -24.71 -24.07 1.12
C GLY B 86 -23.71 -23.54 0.12
N GLN B 87 -23.80 -24.00 -1.12
CA GLN B 87 -22.88 -23.51 -2.15
C GLN B 87 -22.78 -22.00 -2.03
N PHE B 88 -21.56 -21.47 -1.93
CA PHE B 88 -21.40 -20.06 -1.58
C PHE B 88 -22.13 -19.07 -2.49
N ASN B 89 -22.04 -19.31 -3.78
CA ASN B 89 -22.62 -18.38 -4.72
C ASN B 89 -24.17 -18.36 -4.63
N ARG B 90 -24.79 -19.52 -4.50
CA ARG B 90 -26.24 -19.61 -4.31
C ARG B 90 -26.70 -18.89 -3.05
N TYR B 91 -25.96 -19.06 -1.95
CA TYR B 91 -26.16 -18.39 -0.66
C TYR B 91 -25.98 -16.90 -0.75
N ALA B 92 -24.91 -16.43 -1.36
CA ALA B 92 -24.74 -15.01 -1.47
C ALA B 92 -25.79 -14.37 -2.39
N ALA B 93 -26.23 -15.13 -3.38
CA ALA B 93 -27.23 -14.68 -4.35
C ALA B 93 -28.59 -14.52 -3.69
N MET B 94 -28.94 -15.48 -2.86
CA MET B 94 -30.19 -15.43 -2.09
C MET B 94 -30.18 -14.18 -1.23
N ALA B 95 -29.02 -13.83 -0.70
CA ALA B 95 -28.87 -12.63 0.10
C ALA B 95 -29.10 -11.38 -0.74
N LEU B 96 -28.60 -11.41 -1.97
CA LEU B 96 -28.74 -10.28 -2.87
C LEU B 96 -30.21 -10.09 -3.22
N LYS B 97 -30.89 -11.20 -3.49
CA LYS B 97 -32.30 -11.17 -3.81
C LYS B 97 -33.04 -10.45 -2.68
N GLY B 98 -32.78 -10.87 -1.45
CA GLY B 98 -33.37 -10.25 -0.29
C GLY B 98 -33.13 -8.76 -0.27
N LEU B 99 -31.89 -8.37 -0.56
CA LEU B 99 -31.54 -6.96 -0.59
C LEU B 99 -32.24 -6.24 -1.74
N PHE B 100 -32.31 -6.86 -2.90
CA PHE B 100 -33.00 -6.26 -4.04
C PHE B 100 -34.42 -5.93 -3.62
N ASP B 101 -35.10 -6.93 -3.06
CA ASP B 101 -36.48 -6.81 -2.66
C ASP B 101 -36.67 -5.71 -1.63
N GLN B 102 -35.84 -5.71 -0.61
CA GLN B 102 -35.91 -4.71 0.44
C GLN B 102 -35.66 -3.28 -0.05
N LEU B 103 -34.75 -3.12 -1.01
CA LEU B 103 -34.42 -1.78 -1.52
C LEU B 103 -35.34 -1.37 -2.66
N GLY B 104 -36.24 -2.26 -3.03
CA GLY B 104 -37.18 -1.98 -4.09
C GLY B 104 -36.54 -2.03 -5.46
N LEU B 105 -35.42 -2.74 -5.60
CA LEU B 105 -34.76 -2.85 -6.90
C LEU B 105 -35.46 -3.75 -7.91
N GLY B 106 -35.49 -3.32 -9.16
CA GLY B 106 -36.09 -4.10 -10.22
C GLY B 106 -35.06 -4.95 -10.98
N ARG B 107 -34.63 -4.45 -12.13
CA ARG B 107 -33.59 -5.13 -12.93
C ARG B 107 -32.38 -4.21 -12.98
N VAL B 108 -31.26 -4.70 -12.50
CA VAL B 108 -30.08 -3.88 -12.35
C VAL B 108 -28.83 -4.58 -12.85
N PRO B 109 -27.98 -3.84 -13.55
CA PRO B 109 -26.73 -4.41 -14.05
C PRO B 109 -25.80 -4.73 -12.90
N LEU B 110 -25.05 -5.80 -13.01
CA LEU B 110 -24.13 -6.22 -11.98
C LEU B 110 -22.69 -6.28 -12.45
N VAL B 111 -21.80 -5.81 -11.60
CA VAL B 111 -20.38 -5.80 -11.87
C VAL B 111 -19.69 -6.65 -10.80
N GLY B 112 -19.09 -7.75 -11.20
CA GLY B 112 -18.45 -8.61 -10.23
C GLY B 112 -17.14 -9.23 -10.63
N ASN B 113 -16.17 -9.16 -9.74
CA ASN B 113 -14.88 -9.75 -9.98
C ASN B 113 -14.65 -11.02 -9.17
N ALA B 114 -14.00 -11.99 -9.80
CA ALA B 114 -13.65 -13.26 -9.15
C ALA B 114 -14.86 -13.91 -8.49
N LEU B 115 -14.74 -14.23 -7.19
CA LEU B 115 -15.86 -14.82 -6.47
C LEU B 115 -17.14 -14.01 -6.66
N GLY B 116 -17.01 -12.68 -6.66
CA GLY B 116 -18.15 -11.79 -6.82
C GLY B 116 -18.80 -11.86 -8.19
N GLY B 117 -18.03 -12.26 -9.20
CA GLY B 117 -18.58 -12.46 -10.51
C GLY B 117 -19.42 -13.73 -10.54
N GLY B 118 -18.94 -14.76 -9.85
CA GLY B 118 -19.66 -16.00 -9.71
C GLY B 118 -21.00 -15.79 -9.03
N THR B 119 -21.04 -14.89 -8.06
CA THR B 119 -22.29 -14.55 -7.39
C THR B 119 -23.24 -13.76 -8.30
N ALA B 120 -22.68 -12.84 -9.08
CA ALA B 120 -23.46 -12.08 -10.05
C ALA B 120 -24.15 -13.03 -11.02
N VAL B 121 -23.41 -14.00 -11.55
CA VAL B 121 -23.96 -14.99 -12.48
C VAL B 121 -25.01 -15.88 -11.83
N ARG B 122 -24.69 -16.47 -10.69
CA ARG B 122 -25.62 -17.34 -10.02
C ARG B 122 -26.94 -16.60 -9.81
N PHE B 123 -26.82 -15.34 -9.45
CA PHE B 123 -27.98 -14.46 -9.25
C PHE B 123 -28.71 -14.26 -10.57
N ALA B 124 -27.96 -14.05 -11.64
CA ALA B 124 -28.55 -13.82 -12.93
C ALA B 124 -29.27 -15.05 -13.45
N LEU B 125 -28.85 -16.22 -12.99
CA LEU B 125 -29.45 -17.45 -13.46
C LEU B 125 -30.66 -17.81 -12.62
N ASP B 126 -30.56 -17.59 -11.32
CA ASP B 126 -31.62 -17.90 -10.37
C ASP B 126 -32.76 -16.89 -10.33
N TYR B 127 -32.45 -15.61 -10.47
CA TYR B 127 -33.45 -14.54 -10.43
C TYR B 127 -33.33 -13.73 -11.69
N PRO B 128 -33.59 -14.41 -12.81
CA PRO B 128 -33.32 -13.92 -14.17
C PRO B 128 -33.87 -12.56 -14.54
N ALA B 129 -35.07 -12.24 -14.09
CA ALA B 129 -35.66 -10.95 -14.43
C ALA B 129 -34.97 -9.80 -13.72
N ARG B 130 -34.21 -10.12 -12.68
CA ARG B 130 -33.62 -9.10 -11.82
C ARG B 130 -32.23 -8.61 -12.21
N ALA B 131 -31.55 -9.37 -13.06
CA ALA B 131 -30.22 -8.98 -13.48
C ALA B 131 -30.24 -8.44 -14.89
N GLY B 132 -29.64 -7.28 -15.05
CA GLY B 132 -29.49 -6.67 -16.36
C GLY B 132 -28.12 -7.01 -16.90
N ARG B 133 -27.49 -6.04 -17.56
CA ARG B 133 -26.18 -6.26 -18.15
C ARG B 133 -25.17 -6.68 -17.10
N LEU B 134 -24.28 -7.58 -17.46
CA LEU B 134 -23.25 -8.05 -16.53
C LEU B 134 -21.85 -7.69 -17.02
N VAL B 135 -21.02 -7.24 -16.10
CA VAL B 135 -19.60 -6.99 -16.34
C VAL B 135 -18.87 -7.87 -15.34
N LEU B 136 -18.14 -8.86 -15.84
CA LEU B 136 -17.49 -9.84 -14.99
C LEU B 136 -15.97 -9.86 -15.16
N MET B 137 -15.23 -9.55 -14.11
CA MET B 137 -13.77 -9.52 -14.22
C MET B 137 -13.12 -10.77 -13.63
N GLY B 138 -12.46 -11.54 -14.47
CA GLY B 138 -11.85 -12.78 -14.04
C GLY B 138 -12.78 -13.58 -13.15
N PRO B 139 -14.03 -13.72 -13.58
CA PRO B 139 -15.08 -14.35 -12.78
C PRO B 139 -14.90 -15.82 -12.47
N GLY B 140 -15.32 -16.22 -11.27
CA GLY B 140 -15.37 -17.62 -10.93
C GLY B 140 -16.72 -18.16 -11.34
N GLY B 141 -16.94 -19.44 -11.12
CA GLY B 141 -18.23 -20.02 -11.44
C GLY B 141 -18.63 -20.32 -12.86
N LEU B 142 -18.61 -19.33 -13.73
CA LEU B 142 -18.86 -19.58 -15.15
C LEU B 142 -17.57 -19.91 -15.90
N SER B 143 -16.46 -19.86 -15.20
CA SER B 143 -15.18 -20.19 -15.80
C SER B 143 -14.85 -21.64 -15.55
N ILE B 144 -14.33 -22.30 -16.58
CA ILE B 144 -13.83 -23.65 -16.49
C ILE B 144 -12.51 -23.64 -17.24
N ASN B 145 -11.45 -23.96 -16.54
CA ASN B 145 -10.09 -23.85 -17.05
C ASN B 145 -9.74 -24.99 -18.00
N LEU B 146 -10.00 -24.80 -19.28
CA LEU B 146 -9.84 -25.89 -20.24
C LEU B 146 -8.40 -26.41 -20.36
N PHE B 147 -7.42 -25.56 -20.04
CA PHE B 147 -6.03 -25.98 -20.18
C PHE B 147 -5.24 -26.06 -18.86
N ALA B 148 -5.52 -25.13 -17.93
CA ALA B 148 -4.77 -25.07 -16.67
C ALA B 148 -5.20 -26.16 -15.67
N PRO B 149 -4.23 -26.94 -15.14
CA PRO B 149 -4.58 -27.91 -14.11
C PRO B 149 -5.16 -27.23 -12.87
N ASP B 150 -6.19 -27.83 -12.28
CA ASP B 150 -6.86 -27.31 -11.10
C ASP B 150 -6.40 -28.14 -9.88
N PRO B 151 -6.24 -27.54 -8.70
CA PRO B 151 -6.36 -26.12 -8.46
C PRO B 151 -5.18 -25.33 -9.07
N THR B 152 -5.45 -24.13 -9.47
CA THR B 152 -4.46 -23.26 -10.02
C THR B 152 -3.53 -22.75 -8.91
N GLU B 153 -2.45 -22.12 -9.33
CA GLU B 153 -1.49 -21.53 -8.46
C GLU B 153 -2.18 -20.61 -7.47
N GLY B 154 -3.01 -19.70 -7.92
CA GLY B 154 -3.77 -18.82 -7.05
C GLY B 154 -4.73 -19.46 -6.06
N VAL B 155 -5.39 -20.52 -6.49
CA VAL B 155 -6.28 -21.26 -5.62
C VAL B 155 -5.47 -22.03 -4.57
N LYS B 156 -4.34 -22.59 -5.00
CA LYS B 156 -3.48 -23.33 -4.10
C LYS B 156 -2.94 -22.42 -3.00
N ARG B 157 -2.55 -21.21 -3.37
CA ARG B 157 -2.01 -20.29 -2.40
C ARG B 157 -3.06 -19.82 -1.40
N LEU B 158 -4.30 -19.72 -1.87
CA LEU B 158 -5.40 -19.35 -1.02
C LEU B 158 -5.65 -20.48 -0.01
N SER B 159 -5.78 -21.69 -0.52
CA SER B 159 -5.98 -22.85 0.33
C SER B 159 -4.84 -22.95 1.34
N LYS B 160 -3.62 -22.70 0.90
CA LYS B 160 -2.48 -22.79 1.81
C LYS B 160 -2.57 -21.81 2.96
N PHE B 161 -3.06 -20.61 2.68
CA PHE B 161 -3.21 -19.61 3.72
C PHE B 161 -4.28 -20.04 4.71
N SER B 162 -5.36 -20.59 4.20
CA SER B 162 -6.45 -21.02 5.05
C SER B 162 -5.98 -22.10 6.02
N VAL B 163 -5.06 -22.94 5.58
CA VAL B 163 -4.56 -24.01 6.43
C VAL B 163 -3.53 -23.46 7.41
N ALA B 164 -2.73 -22.52 6.94
CA ALA B 164 -1.67 -21.90 7.74
C ALA B 164 -1.74 -20.39 7.56
N PRO B 165 -2.44 -19.71 8.45
CA PRO B 165 -2.66 -18.27 8.28
C PRO B 165 -1.50 -17.40 8.75
N THR B 166 -0.41 -17.40 8.01
CA THR B 166 0.73 -16.56 8.33
C THR B 166 0.83 -15.37 7.38
N ARG B 167 1.66 -14.41 7.75
CA ARG B 167 1.92 -13.24 6.93
C ARG B 167 2.65 -13.66 5.66
N GLU B 168 3.59 -14.58 5.81
CA GLU B 168 4.35 -15.09 4.67
C GLU B 168 3.42 -15.70 3.63
N ASN B 169 2.42 -16.45 4.08
CA ASN B 169 1.50 -17.09 3.18
C ASN B 169 0.52 -16.12 2.54
N LEU B 170 0.11 -15.10 3.28
CA LEU B 170 -0.75 -14.12 2.68
C LEU B 170 0.07 -13.35 1.64
N GLU B 171 1.32 -13.02 1.94
CA GLU B 171 2.12 -12.31 0.95
C GLU B 171 2.23 -13.14 -0.35
N ALA B 172 2.53 -14.43 -0.21
CA ALA B 172 2.63 -15.31 -1.38
C ALA B 172 1.35 -15.34 -2.21
N PHE B 173 0.21 -15.37 -1.53
CA PHE B 173 -1.08 -15.33 -2.19
C PHE B 173 -1.30 -14.01 -2.94
N LEU B 174 -1.05 -12.90 -2.27
CA LEU B 174 -1.26 -11.59 -2.86
C LEU B 174 -0.39 -11.40 -4.10
N ARG B 175 0.80 -11.98 -4.11
CA ARG B 175 1.74 -11.78 -5.20
C ARG B 175 1.31 -12.44 -6.51
N VAL B 176 0.44 -13.45 -6.41
CA VAL B 176 -0.12 -14.03 -7.63
C VAL B 176 -1.49 -13.43 -7.99
N MET B 177 -1.84 -12.31 -7.34
CA MET B 177 -3.05 -11.57 -7.73
C MET B 177 -2.78 -10.50 -8.79
N VAL B 178 -1.51 -10.14 -9.00
CA VAL B 178 -1.14 -9.01 -9.83
C VAL B 178 -0.01 -9.36 -10.78
N TYR B 179 0.05 -8.67 -11.90
CA TYR B 179 1.18 -8.75 -12.83
C TYR B 179 2.39 -7.97 -12.28
N ASP B 180 2.12 -6.73 -11.89
CA ASP B 180 3.12 -5.86 -11.30
C ASP B 180 3.19 -6.17 -9.82
N LYS B 181 4.11 -7.03 -9.43
CA LYS B 181 4.23 -7.45 -8.04
C LYS B 181 4.64 -6.31 -7.12
N ASN B 182 5.03 -5.19 -7.71
CA ASN B 182 5.39 -4.02 -6.92
C ASN B 182 4.16 -3.47 -6.19
N LEU B 183 2.98 -3.88 -6.65
CA LEU B 183 1.74 -3.45 -6.03
C LEU B 183 1.56 -4.08 -4.67
N ILE B 184 2.20 -5.22 -4.45
CA ILE B 184 2.07 -5.88 -3.16
C ILE B 184 3.11 -5.33 -2.19
N THR B 185 2.73 -4.25 -1.52
CA THR B 185 3.59 -3.56 -0.58
C THR B 185 3.47 -4.09 0.85
N PRO B 186 4.43 -3.79 1.71
CA PRO B 186 4.36 -4.27 3.08
C PRO B 186 3.08 -3.79 3.76
N GLU B 187 2.70 -2.54 3.49
CA GLU B 187 1.50 -1.96 4.09
C GLU B 187 0.25 -2.72 3.65
N LEU B 188 0.18 -3.10 2.38
CA LEU B 188 -0.97 -3.83 1.89
C LEU B 188 -1.06 -5.21 2.54
N VAL B 189 0.07 -5.89 2.63
CA VAL B 189 0.12 -7.21 3.23
C VAL B 189 -0.38 -7.16 4.67
N ASP B 190 0.21 -6.25 5.44
CA ASP B 190 -0.12 -6.12 6.86
C ASP B 190 -1.58 -5.81 7.06
N GLN B 191 -2.11 -4.86 6.30
CA GLN B 191 -3.50 -4.46 6.45
C GLN B 191 -4.45 -5.59 6.08
N ARG B 192 -4.12 -6.35 5.06
N ARG B 192 -4.08 -6.36 5.08
CA ARG B 192 -4.92 -7.47 4.71
CA ARG B 192 -4.88 -7.50 4.68
C ARG B 192 -4.73 -8.60 5.72
C ARG B 192 -4.72 -8.64 5.69
N PHE B 193 -3.50 -8.88 6.18
CA PHE B 193 -3.28 -9.93 7.15
C PHE B 193 -4.15 -9.68 8.39
N ALA B 194 -4.16 -8.45 8.84
CA ALA B 194 -4.93 -8.05 10.01
C ALA B 194 -6.39 -8.47 9.89
N LEU B 195 -6.99 -8.21 8.73
CA LEU B 195 -8.38 -8.54 8.50
C LEU B 195 -8.58 -10.02 8.26
N ALA B 196 -7.68 -10.64 7.52
CA ALA B 196 -7.82 -12.03 7.14
C ALA B 196 -7.58 -13.01 8.29
N SER B 197 -6.83 -12.58 9.29
CA SER B 197 -6.49 -13.46 10.40
C SER B 197 -7.47 -13.42 11.59
N THR B 198 -8.59 -12.73 11.45
CA THR B 198 -9.58 -12.74 12.53
C THR B 198 -10.33 -14.06 12.55
N PRO B 199 -10.77 -14.47 13.74
CA PRO B 199 -11.50 -15.73 13.87
C PRO B 199 -12.73 -15.71 12.97
N GLU B 200 -13.47 -14.62 13.05
CA GLU B 200 -14.64 -14.40 12.23
C GLU B 200 -14.34 -14.67 10.76
N SER B 201 -13.17 -14.26 10.32
CA SER B 201 -12.78 -14.37 8.91
C SER B 201 -12.34 -15.76 8.52
N LEU B 202 -11.29 -16.26 9.16
CA LEU B 202 -10.82 -17.60 8.86
C LEU B 202 -11.97 -18.61 8.90
N THR B 203 -12.95 -18.36 9.74
CA THR B 203 -14.12 -19.23 9.85
C THR B 203 -14.94 -19.19 8.56
N ALA B 204 -15.18 -17.99 8.07
CA ALA B 204 -15.95 -17.80 6.86
C ALA B 204 -15.20 -18.34 5.64
N THR B 205 -13.91 -18.03 5.57
CA THR B 205 -13.09 -18.47 4.43
C THR B 205 -13.14 -19.98 4.28
N ARG B 206 -13.08 -20.69 5.38
CA ARG B 206 -13.11 -22.14 5.31
C ARG B 206 -14.45 -22.64 4.80
N ALA B 207 -15.52 -22.09 5.35
CA ALA B 207 -16.86 -22.45 4.96
C ALA B 207 -17.07 -22.17 3.47
N MET B 208 -16.61 -21.03 3.00
CA MET B 208 -16.75 -20.66 1.59
C MET B 208 -16.16 -21.74 0.69
N GLY B 209 -14.91 -22.08 0.93
CA GLY B 209 -14.24 -23.07 0.11
C GLY B 209 -14.91 -24.44 0.15
N LYS B 210 -15.15 -24.93 1.35
CA LYS B 210 -15.79 -26.22 1.54
C LYS B 210 -17.10 -26.30 0.75
N SER B 211 -17.90 -25.26 0.88
CA SER B 211 -19.21 -25.19 0.24
C SER B 211 -19.18 -25.42 -1.26
N PHE B 212 -18.01 -25.30 -1.87
CA PHE B 212 -17.93 -25.50 -3.31
C PHE B 212 -17.95 -26.98 -3.62
N ALA B 213 -17.84 -27.80 -2.58
CA ALA B 213 -17.84 -29.24 -2.73
C ALA B 213 -18.87 -29.94 -1.85
N GLY B 214 -20.04 -29.33 -1.71
CA GLY B 214 -21.12 -29.95 -0.97
C GLY B 214 -22.08 -30.56 -1.96
N ALA B 215 -23.19 -31.10 -1.48
CA ALA B 215 -24.18 -31.74 -2.33
C ALA B 215 -24.68 -30.89 -3.51
N ASP B 216 -24.78 -29.58 -3.29
CA ASP B 216 -25.25 -28.67 -4.32
C ASP B 216 -24.08 -28.06 -5.09
N PHE B 217 -22.97 -28.78 -5.17
CA PHE B 217 -21.79 -28.32 -5.88
C PHE B 217 -22.12 -27.91 -7.33
N GLU B 218 -23.13 -28.53 -7.92
CA GLU B 218 -23.50 -28.18 -9.29
C GLU B 218 -23.88 -26.71 -9.43
N ALA B 219 -24.38 -26.09 -8.37
CA ALA B 219 -24.70 -24.70 -8.43
C ALA B 219 -23.47 -23.88 -8.78
N GLY B 220 -22.31 -24.43 -8.52
CA GLY B 220 -21.05 -23.74 -8.77
C GLY B 220 -20.51 -23.93 -10.19
N MET B 221 -21.02 -24.93 -10.90
CA MET B 221 -20.56 -25.27 -12.23
C MET B 221 -21.37 -24.48 -13.27
N MET B 222 -21.27 -23.16 -13.21
CA MET B 222 -22.20 -22.30 -13.94
C MET B 222 -21.95 -22.28 -15.45
N TRP B 223 -20.79 -22.78 -15.85
CA TRP B 223 -20.45 -22.84 -17.26
C TRP B 223 -21.45 -23.74 -17.97
N ARG B 224 -22.14 -24.57 -17.21
CA ARG B 224 -23.13 -25.47 -17.78
C ARG B 224 -24.46 -24.78 -18.08
N GLU B 225 -24.66 -23.58 -17.54
CA GLU B 225 -25.96 -22.92 -17.62
C GLU B 225 -26.04 -21.55 -18.30
N VAL B 226 -24.91 -20.89 -18.44
CA VAL B 226 -24.90 -19.53 -18.90
C VAL B 226 -25.45 -19.30 -20.31
N TYR B 227 -25.63 -20.36 -21.06
CA TYR B 227 -26.27 -20.30 -22.36
C TYR B 227 -27.70 -19.76 -22.22
N ARG B 228 -28.22 -19.84 -21.00
CA ARG B 228 -29.54 -19.38 -20.71
C ARG B 228 -29.58 -17.85 -20.51
N LEU B 229 -28.41 -17.22 -20.38
CA LEU B 229 -28.37 -15.77 -20.18
C LEU B 229 -28.80 -15.02 -21.45
N ARG B 230 -29.67 -14.02 -21.29
CA ARG B 230 -30.20 -13.30 -22.45
C ARG B 230 -29.70 -11.87 -22.59
N GLN B 231 -29.09 -11.34 -21.53
CA GLN B 231 -28.60 -9.98 -21.54
C GLN B 231 -27.20 -9.86 -22.10
N PRO B 232 -26.79 -8.63 -22.43
CA PRO B 232 -25.39 -8.44 -22.82
C PRO B 232 -24.49 -8.69 -21.60
N VAL B 233 -23.38 -9.36 -21.85
CA VAL B 233 -22.40 -9.75 -20.83
C VAL B 233 -20.98 -9.42 -21.27
N LEU B 234 -20.31 -8.55 -20.53
CA LEU B 234 -18.95 -8.19 -20.87
C LEU B 234 -17.98 -8.92 -19.96
N LEU B 235 -17.26 -9.87 -20.53
CA LEU B 235 -16.21 -10.58 -19.81
C LEU B 235 -14.93 -9.79 -19.90
N ILE B 236 -14.26 -9.60 -18.77
CA ILE B 236 -13.01 -8.87 -18.80
C ILE B 236 -11.94 -9.68 -18.08
N TRP B 237 -10.83 -9.91 -18.77
CA TRP B 237 -9.77 -10.73 -18.22
C TRP B 237 -8.41 -10.05 -18.28
N GLY B 238 -7.56 -10.33 -17.30
CA GLY B 238 -6.18 -9.94 -17.33
C GLY B 238 -5.48 -11.09 -18.01
N ARG B 239 -4.68 -10.82 -19.02
CA ARG B 239 -4.00 -11.89 -19.74
C ARG B 239 -3.16 -12.78 -18.83
N GLU B 240 -2.53 -12.17 -17.83
CA GLU B 240 -1.69 -12.90 -16.87
C GLU B 240 -2.41 -13.30 -15.57
N ASP B 241 -3.73 -13.50 -15.65
CA ASP B 241 -4.50 -13.93 -14.46
C ASP B 241 -4.07 -15.33 -14.03
N ARG B 242 -3.57 -15.46 -12.79
CA ARG B 242 -3.05 -16.72 -12.27
C ARG B 242 -4.03 -17.44 -11.34
N VAL B 243 -5.15 -16.79 -11.02
CA VAL B 243 -6.18 -17.40 -10.18
C VAL B 243 -7.28 -18.09 -10.99
N ASN B 244 -7.90 -17.31 -11.87
CA ASN B 244 -8.86 -17.78 -12.86
C ASN B 244 -8.25 -17.41 -14.22
N PRO B 245 -7.44 -18.30 -14.82
CA PRO B 245 -6.66 -17.93 -16.02
C PRO B 245 -7.55 -17.72 -17.26
N LEU B 246 -6.96 -17.08 -18.27
CA LEU B 246 -7.71 -16.70 -19.48
C LEU B 246 -8.44 -17.84 -20.20
N ASP B 247 -7.90 -19.06 -20.17
CA ASP B 247 -8.58 -20.20 -20.80
C ASP B 247 -9.97 -20.47 -20.20
N GLY B 248 -10.21 -19.92 -19.01
CA GLY B 248 -11.50 -20.08 -18.35
C GLY B 248 -12.62 -19.27 -18.97
N ALA B 249 -12.26 -18.33 -19.85
CA ALA B 249 -13.24 -17.44 -20.50
C ALA B 249 -14.03 -18.11 -21.64
N LEU B 250 -13.54 -19.23 -22.14
CA LEU B 250 -13.92 -19.73 -23.47
C LEU B 250 -15.36 -20.27 -23.54
N VAL B 251 -15.72 -21.14 -22.62
CA VAL B 251 -17.05 -21.69 -22.67
C VAL B 251 -18.09 -20.58 -22.57
N ALA B 252 -17.85 -19.63 -21.69
CA ALA B 252 -18.77 -18.52 -21.50
C ALA B 252 -18.85 -17.63 -22.74
N LEU B 253 -17.70 -17.33 -23.32
CA LEU B 253 -17.70 -16.49 -24.51
C LEU B 253 -18.49 -17.16 -25.61
N LYS B 254 -18.32 -18.46 -25.76
CA LYS B 254 -18.98 -19.20 -26.81
C LYS B 254 -20.48 -19.36 -26.63
N THR B 255 -20.91 -19.68 -25.41
CA THR B 255 -22.29 -20.01 -25.14
C THR B 255 -23.25 -18.86 -24.77
N ILE B 256 -22.72 -17.78 -24.21
CA ILE B 256 -23.55 -16.62 -23.91
C ILE B 256 -23.86 -15.85 -25.21
N PRO B 257 -25.10 -15.84 -25.64
CA PRO B 257 -25.43 -15.22 -26.92
C PRO B 257 -24.95 -13.77 -27.07
N ARG B 258 -25.21 -12.89 -26.10
CA ARG B 258 -24.81 -11.50 -26.25
C ARG B 258 -23.51 -11.17 -25.52
N ALA B 259 -22.60 -12.12 -25.49
CA ALA B 259 -21.29 -11.95 -24.84
C ALA B 259 -20.32 -11.06 -25.64
N GLN B 260 -19.47 -10.35 -24.90
CA GLN B 260 -18.27 -9.70 -25.42
C GLN B 260 -17.13 -10.05 -24.47
N LEU B 261 -15.90 -10.00 -24.96
CA LEU B 261 -14.72 -10.25 -24.11
C LEU B 261 -13.65 -9.17 -24.35
N HIS B 262 -13.13 -8.60 -23.27
CA HIS B 262 -11.96 -7.71 -23.37
C HIS B 262 -10.81 -8.28 -22.53
N VAL B 263 -9.65 -8.43 -23.16
CA VAL B 263 -8.48 -8.94 -22.45
C VAL B 263 -7.40 -7.87 -22.44
N PHE B 264 -6.85 -7.57 -21.26
CA PHE B 264 -5.77 -6.62 -21.12
C PHE B 264 -4.45 -7.36 -20.94
N GLY B 265 -3.49 -7.09 -21.83
CA GLY B 265 -2.13 -7.57 -21.62
C GLY B 265 -1.45 -6.80 -20.49
N GLN B 266 -0.49 -7.44 -19.82
CA GLN B 266 0.20 -6.84 -18.67
C GLN B 266 -0.75 -6.49 -17.53
N CYS B 267 -1.55 -7.49 -17.12
CA CYS B 267 -2.59 -7.31 -16.11
C CYS B 267 -2.90 -8.66 -15.50
N GLY B 268 -2.95 -8.72 -14.17
CA GLY B 268 -3.28 -9.95 -13.46
C GLY B 268 -4.75 -10.02 -13.08
N HIS B 269 -5.02 -10.77 -12.02
CA HIS B 269 -6.37 -11.06 -11.51
C HIS B 269 -7.14 -9.84 -10.98
N TRP B 270 -6.43 -8.80 -10.55
CA TRP B 270 -7.07 -7.55 -10.08
C TRP B 270 -7.22 -6.53 -11.20
N VAL B 271 -8.06 -6.84 -12.16
CA VAL B 271 -8.26 -5.95 -13.30
C VAL B 271 -8.62 -4.54 -12.87
N GLN B 272 -9.48 -4.42 -11.87
CA GLN B 272 -9.99 -3.12 -11.45
C GLN B 272 -8.88 -2.27 -10.85
N VAL B 273 -7.80 -2.90 -10.42
CA VAL B 273 -6.66 -2.19 -9.85
C VAL B 273 -5.58 -1.85 -10.90
N GLU B 274 -5.13 -2.90 -11.57
CA GLU B 274 -4.04 -2.82 -12.53
C GLU B 274 -4.37 -2.08 -13.82
N LYS B 275 -5.64 -2.11 -14.21
CA LYS B 275 -6.09 -1.38 -15.39
C LYS B 275 -7.31 -0.55 -15.01
N PHE B 276 -7.24 0.12 -13.87
CA PHE B 276 -8.41 0.83 -13.34
C PHE B 276 -9.06 1.84 -14.29
N ASP B 277 -8.27 2.67 -14.96
CA ASP B 277 -8.85 3.66 -15.88
C ASP B 277 -9.57 2.96 -17.01
N GLU B 278 -8.84 2.14 -17.73
CA GLU B 278 -9.42 1.42 -18.86
C GLU B 278 -10.65 0.63 -18.43
N PHE B 279 -10.58 -0.05 -17.28
CA PHE B 279 -11.71 -0.81 -16.78
C PHE B 279 -12.90 0.09 -16.48
N ASN B 280 -12.63 1.20 -15.80
CA ASN B 280 -13.69 2.14 -15.49
C ASN B 280 -14.41 2.60 -16.75
N LYS B 281 -13.65 2.96 -17.77
CA LYS B 281 -14.23 3.44 -19.01
C LYS B 281 -15.03 2.37 -19.75
N LEU B 282 -14.49 1.16 -19.81
CA LEU B 282 -15.19 0.06 -20.46
C LEU B 282 -16.55 -0.17 -19.78
N THR B 283 -16.54 -0.15 -18.46
CA THR B 283 -17.75 -0.36 -17.69
C THR B 283 -18.79 0.74 -17.91
N ILE B 284 -18.35 1.99 -17.84
CA ILE B 284 -19.27 3.10 -18.04
C ILE B 284 -19.95 3.03 -19.41
N GLU B 285 -19.15 2.80 -20.44
CA GLU B 285 -19.70 2.70 -21.78
C GLU B 285 -20.65 1.52 -21.92
N PHE B 286 -20.26 0.38 -21.40
CA PHE B 286 -21.09 -0.81 -21.46
C PHE B 286 -22.43 -0.61 -20.74
N LEU B 287 -22.44 0.11 -19.62
CA LEU B 287 -23.65 0.29 -18.83
C LEU B 287 -24.44 1.53 -19.24
N GLY B 288 -24.00 2.18 -20.31
CA GLY B 288 -24.71 3.30 -20.89
C GLY B 288 -24.50 4.61 -20.15
S SCN C . 37.26 5.62 15.99
C SCN C . 38.04 4.79 14.60
N SCN C . 38.55 4.23 13.72
S SCN D . 35.56 11.03 16.11
C SCN D . 35.54 12.34 14.87
N SCN D . 35.52 13.18 14.06
CL KEK E . -9.98 -18.43 -5.37
C02 KEK E . -11.28 -19.51 -4.83
C03 KEK E . -11.12 -21.03 -4.93
C04 KEK E . -12.24 -21.95 -4.44
C05 KEK E . -13.52 -21.34 -3.86
C06 KEK E . -13.66 -19.81 -3.74
C07 KEK E . -12.54 -18.89 -4.22
C08 KEK E . -12.63 -17.36 -4.13
C09 KEK E . -12.24 -16.94 -5.55
C10 KEK E . -11.74 -15.51 -5.58
C11 KEK E . -10.23 -15.32 -5.75
C12 KEK E . -10.02 -13.85 -6.01
C13 KEK E . -9.68 -13.12 -5.00
C14 KEK E . -9.79 -11.63 -5.14
C15 KEK E . -9.52 -10.63 -4.02
O16 KEK E . -8.45 -10.81 -3.12
O17 KEK E . -10.45 -10.04 -3.60
O18 KEK E . -10.43 -11.27 -6.05
C19 KEK E . -9.42 -15.72 -4.52
O20 KEK E . -12.45 -14.58 -5.56
#